data_2N8V
#
_entry.id   2N8V
#
_entity_poly.entity_id   1
_entity_poly.type   'polyribonucleotide'
_entity_poly.pdbx_seq_one_letter_code
;GGAACAGCUGUACUGGGCAGUUACAGCAGUCGUAUGGUAACACAUGCGGCGUUCCGAAAUACCAUGCCUG
;
_entity_poly.pdbx_strand_id   X
#
loop_
_chem_comp.id
_chem_comp.type
_chem_comp.name
_chem_comp.formula
A RNA linking ADENOSINE-5'-MONOPHOSPHATE 'C10 H14 N5 O7 P'
C RNA linking CYTIDINE-5'-MONOPHOSPHATE 'C9 H14 N3 O8 P'
G RNA linking GUANOSINE-5'-MONOPHOSPHATE 'C10 H14 N5 O8 P'
U RNA linking URIDINE-5'-MONOPHOSPHATE 'C9 H13 N2 O9 P'
#